data_6AOT
#
_entry.id   6AOT
#
_cell.length_a   100.337
_cell.length_b   100.337
_cell.length_c   384.341
_cell.angle_alpha   90.00
_cell.angle_beta   90.00
_cell.angle_gamma   120.00
#
_symmetry.space_group_name_H-M   'H 3 2'
#
loop_
_entity.id
_entity.type
_entity.pdbx_description
1 polymer 'Hemagglutinin HA1 chain'
2 polymer 'Hemagglutinin HA2 chain'
3 branched alpha-D-mannopyranose-(1-3)-[alpha-D-mannopyranose-(1-6)]beta-D-mannopyranose-(1-4)-2-acetamido-2-deoxy-beta-D-glucopyranose-(1-4)-2-acetamido-2-deoxy-beta-D-glucopyranose
4 branched 2-acetamido-2-deoxy-beta-D-glucopyranose-(1-4)-2-acetamido-2-deoxy-beta-D-glucopyranose
5 branched 'N-acetyl-alpha-neuraminic acid-(2-6)-beta-D-galactopyranose'
6 non-polymer 2-acetamido-2-deoxy-beta-D-glucopyranose
7 water water
#
loop_
_entity_poly.entity_id
_entity_poly.type
_entity_poly.pdbx_seq_one_letter_code
_entity_poly.pdbx_strand_id
1 'polypeptide(L)'
;ANPGATLCLGHHAVPNGTIVKTITNDQIEVTNATELVQSSSTGEICDSPHQILDGENCTLIDALLGDPQCDGFQNKKWDL
FVERSKAYSNCYPYDVPDYASLRSLVASSGTLEFNNESFNWTGVTQNGTSSACIRRSNNSFFSRLNWLTHLKFKYPALNV
TMPNNEKFDKLYIWGVHHPGTDNDQIFPYAQASGRITVSTKRSQQTVIPNIGSRPRVRNIPSRISIYWTIVKPGDILLIN
STGNLIAPRGYFKIRSGKSSIMRSDAPIGKCNSECITPNGSIPNDKPFQNVNRITYGACPRYVKQNTLKLATGMRNVPEK
QTR
;
A
2 'polypeptide(L)'
;GIFGAIAGFIENGWEGMVDGWYGFRHQNSEGIGQAADLKSTQAAIDQINGKLNRLIGKTNEKFHQIEKEFSEVEGRIQDL
EKYVEDTKIDLWSYNAELLVALENQHTIDLTDSEMNKLFEKTKKQLRENAEDMGNGCFKIYHKCDNACIGSIRNGTYDHD
VYRDEALNNRFQIK
;
B
#
# COMPACT_ATOMS: atom_id res chain seq x y z
N PRO A 3 38.59 -5.22 54.41
CA PRO A 3 38.66 -5.24 52.94
C PRO A 3 37.50 -4.49 52.26
N GLY A 4 36.27 -4.72 52.72
CA GLY A 4 35.10 -4.07 52.14
C GLY A 4 34.58 -4.80 50.90
N ALA A 5 34.03 -4.02 49.96
CA ALA A 5 33.47 -4.57 48.71
C ALA A 5 33.53 -3.56 47.58
N THR A 6 33.35 -4.07 46.37
CA THR A 6 33.19 -3.26 45.20
C THR A 6 31.83 -3.62 44.55
N LEU A 7 31.05 -2.62 44.17
CA LEU A 7 29.77 -2.84 43.48
C LEU A 7 29.75 -2.01 42.20
N CYS A 8 29.63 -2.68 41.07
CA CYS A 8 29.69 -2.05 39.74
C CYS A 8 28.35 -2.10 39.06
N LEU A 9 27.92 -0.96 38.55
CA LEU A 9 26.72 -0.86 37.76
C LEU A 9 27.11 -1.03 36.30
N GLY A 10 26.26 -1.68 35.55
CA GLY A 10 26.51 -1.85 34.12
C GLY A 10 25.34 -2.28 33.29
N HIS A 11 25.65 -2.56 32.02
CA HIS A 11 24.64 -2.83 31.03
C HIS A 11 25.15 -3.91 30.10
N HIS A 12 24.23 -4.54 29.38
CA HIS A 12 24.62 -5.64 28.47
C HIS A 12 25.25 -5.12 27.18
N ALA A 13 25.80 -6.05 26.45
CA ALA A 13 26.31 -5.82 25.12
C ALA A 13 26.17 -7.15 24.37
N VAL A 14 26.31 -7.11 23.04
CA VAL A 14 26.22 -8.33 22.19
C VAL A 14 27.44 -8.38 21.26
N PRO A 15 27.81 -9.61 20.83
CA PRO A 15 28.91 -9.71 19.89
C PRO A 15 28.56 -9.24 18.49
N ASN A 16 27.29 -9.30 18.11
CA ASN A 16 26.80 -9.03 16.74
C ASN A 16 25.81 -7.83 16.74
N GLY A 17 26.31 -6.61 16.88
CA GLY A 17 25.41 -5.42 16.86
C GLY A 17 24.94 -5.06 15.46
N THR A 18 24.05 -4.06 15.36
CA THR A 18 23.62 -3.57 14.03
C THR A 18 23.72 -2.07 13.95
N ILE A 19 24.00 -1.60 12.74
CA ILE A 19 24.29 -0.19 12.50
C ILE A 19 22.99 0.54 12.18
N VAL A 20 22.74 1.65 12.88
CA VAL A 20 21.59 2.50 12.57
C VAL A 20 22.06 3.94 12.37
N LYS A 21 21.14 4.76 11.85
CA LYS A 21 21.32 6.21 11.67
C LYS A 21 20.62 6.97 12.78
N THR A 22 21.19 8.10 13.14
CA THR A 22 20.62 9.01 14.13
C THR A 22 20.73 10.42 13.58
N ILE A 23 20.22 11.36 14.34
CA ILE A 23 20.32 12.78 14.04
C ILE A 23 21.78 13.29 14.00
N THR A 24 22.63 12.73 14.84
CA THR A 24 24.01 13.20 14.93
C THR A 24 25.03 12.26 14.34
N ASN A 25 24.64 11.05 13.96
CA ASN A 25 25.62 10.09 13.44
C ASN A 25 25.02 9.19 12.40
N ASP A 26 25.65 9.06 11.25
CA ASP A 26 25.02 8.23 10.23
C ASP A 26 25.24 6.72 10.45
N GLN A 27 26.16 6.34 11.34
CA GLN A 27 26.45 4.95 11.63
C GLN A 27 26.77 4.80 13.10
N ILE A 28 25.85 4.26 13.87
CA ILE A 28 26.13 3.94 15.24
CA ILE A 28 26.00 3.98 15.32
C ILE A 28 25.59 2.54 15.53
N GLU A 29 26.36 1.77 16.29
CA GLU A 29 26.03 0.39 16.52
C GLU A 29 25.14 0.25 17.77
N VAL A 30 24.01 -0.42 17.59
CA VAL A 30 23.09 -0.73 18.67
C VAL A 30 22.98 -2.28 18.84
N THR A 31 22.40 -2.70 19.96
CA THR A 31 22.33 -4.13 20.29
C THR A 31 21.33 -4.86 19.39
N ASN A 32 20.30 -4.16 18.91
CA ASN A 32 19.29 -4.79 18.08
C ASN A 32 18.53 -3.68 17.31
N ALA A 33 17.95 -4.05 16.18
CA ALA A 33 17.16 -3.13 15.38
C ALA A 33 16.14 -3.91 14.59
N THR A 34 15.16 -3.23 14.02
CA THR A 34 14.16 -3.89 13.17
C THR A 34 13.97 -3.06 11.91
N GLU A 35 13.67 -3.76 10.81
CA GLU A 35 13.50 -3.16 9.49
C GLU A 35 12.13 -2.54 9.33
N LEU A 36 12.07 -1.26 8.91
CA LEU A 36 10.79 -0.60 8.68
C LEU A 36 10.31 -0.55 7.22
N VAL A 37 11.15 -0.97 6.28
CA VAL A 37 10.82 -0.94 4.87
C VAL A 37 10.65 -2.37 4.36
N GLN A 38 9.44 -2.71 3.93
CA GLN A 38 9.19 -3.98 3.26
C GLN A 38 9.75 -3.93 1.84
N SER A 39 10.64 -4.86 1.53
CA SER A 39 11.31 -4.83 0.24
C SER A 39 11.15 -6.11 -0.57
N SER A 40 10.38 -7.08 -0.09
CA SER A 40 10.18 -8.29 -0.87
C SER A 40 8.72 -8.66 -0.96
N SER A 41 8.42 -9.42 -2.02
CA SER A 41 7.14 -10.07 -2.26
CA SER A 41 7.12 -10.08 -2.22
C SER A 41 7.36 -11.56 -2.54
N THR A 42 6.34 -12.40 -2.33
CA THR A 42 6.41 -13.80 -2.84
C THR A 42 6.32 -13.88 -4.36
N GLY A 43 5.73 -12.87 -4.99
CA GLY A 43 5.56 -12.91 -6.44
C GLY A 43 4.19 -13.39 -6.87
N GLU A 44 3.30 -13.66 -5.93
CA GLU A 44 1.91 -13.98 -6.26
C GLU A 44 0.95 -12.99 -5.66
N ILE A 45 -0.16 -12.79 -6.37
CA ILE A 45 -1.29 -12.02 -5.86
C ILE A 45 -2.19 -13.01 -5.12
N CYS A 46 -2.35 -12.82 -3.82
CA CYS A 46 -3.19 -13.69 -3.00
C CYS A 46 -4.66 -13.46 -3.35
N ASP A 47 -5.39 -14.55 -3.55
CA ASP A 47 -6.82 -14.47 -3.89
C ASP A 47 -7.75 -14.10 -2.74
N SER A 48 -7.21 -13.99 -1.53
CA SER A 48 -7.94 -13.61 -0.33
C SER A 48 -7.17 -12.52 0.39
N PRO A 49 -7.84 -11.63 1.13
CA PRO A 49 -9.31 -11.62 1.32
C PRO A 49 -10.06 -10.73 0.32
N HIS A 50 -9.37 -10.09 -0.63
CA HIS A 50 -10.03 -9.27 -1.66
C HIS A 50 -10.58 -10.17 -2.80
N GLN A 51 -11.72 -9.80 -3.38
CA GLN A 51 -12.26 -10.51 -4.54
C GLN A 51 -11.47 -10.09 -5.79
N ILE A 52 -10.67 -11.02 -6.28
CA ILE A 52 -9.82 -10.80 -7.45
C ILE A 52 -10.48 -11.30 -8.70
N LEU A 53 -10.51 -10.49 -9.75
CA LEU A 53 -10.97 -10.96 -11.05
C LEU A 53 -9.81 -10.87 -12.02
N ASP A 54 -9.32 -12.05 -12.39
CA ASP A 54 -8.24 -12.15 -13.37
C ASP A 54 -8.81 -11.94 -14.77
N GLY A 55 -8.36 -10.88 -15.44
CA GLY A 55 -8.83 -10.56 -16.78
C GLY A 55 -8.43 -11.57 -17.84
N GLU A 56 -7.36 -12.30 -17.58
CA GLU A 56 -6.82 -13.30 -18.55
C GLU A 56 -6.56 -12.61 -19.89
N ASN A 57 -7.25 -13.01 -20.97
CA ASN A 57 -7.04 -12.39 -22.29
C ASN A 57 -7.80 -11.08 -22.51
N CYS A 58 -8.59 -10.65 -21.54
CA CYS A 58 -9.56 -9.56 -21.70
C CYS A 58 -9.15 -8.31 -20.92
N THR A 59 -9.26 -7.15 -21.56
CA THR A 59 -9.22 -5.88 -20.86
C THR A 59 -10.60 -5.67 -20.22
N LEU A 60 -10.68 -4.76 -19.26
CA LEU A 60 -11.97 -4.44 -18.66
C LEU A 60 -12.95 -3.92 -19.73
N ILE A 61 -12.45 -3.07 -20.63
CA ILE A 61 -13.30 -2.48 -21.67
C ILE A 61 -13.83 -3.54 -22.64
N ASP A 62 -12.99 -4.48 -23.03
CA ASP A 62 -13.49 -5.63 -23.80
C ASP A 62 -14.55 -6.49 -23.11
N ALA A 63 -14.39 -6.72 -21.82
CA ALA A 63 -15.38 -7.45 -21.04
C ALA A 63 -16.70 -6.65 -20.91
N LEU A 64 -16.57 -5.33 -20.85
CA LEU A 64 -17.70 -4.42 -20.76
C LEU A 64 -18.52 -4.46 -22.05
N LEU A 65 -17.85 -4.27 -23.19
CA LEU A 65 -18.53 -4.22 -24.51
C LEU A 65 -19.10 -5.58 -24.90
N GLY A 66 -18.41 -6.60 -24.46
CA GLY A 66 -18.82 -7.97 -24.71
C GLY A 66 -18.17 -8.61 -25.91
N ASP A 67 -16.84 -8.47 -26.01
CA ASP A 67 -15.99 -9.24 -26.95
C ASP A 67 -16.23 -10.75 -26.69
N PRO A 68 -16.36 -11.60 -27.74
CA PRO A 68 -16.77 -13.02 -27.54
C PRO A 68 -15.92 -13.80 -26.55
N GLN A 69 -14.61 -13.60 -26.56
CA GLN A 69 -13.75 -14.28 -25.59
C GLN A 69 -14.02 -13.90 -24.13
N CYS A 70 -14.76 -12.82 -23.90
CA CYS A 70 -15.04 -12.30 -22.56
C CYS A 70 -16.44 -12.62 -22.05
N ASP A 71 -17.15 -13.58 -22.69
CA ASP A 71 -18.53 -13.91 -22.32
C ASP A 71 -18.68 -14.44 -20.89
N GLY A 72 -17.62 -15.11 -20.42
CA GLY A 72 -17.53 -15.62 -19.05
C GLY A 72 -17.55 -14.55 -17.95
N PHE A 73 -17.27 -13.30 -18.32
CA PHE A 73 -17.28 -12.15 -17.38
C PHE A 73 -18.64 -11.49 -17.11
N GLN A 74 -19.70 -11.91 -17.82
CA GLN A 74 -20.97 -11.24 -17.72
C GLN A 74 -21.43 -11.17 -16.27
N ASN A 75 -21.79 -9.95 -15.87
CA ASN A 75 -22.35 -9.69 -14.57
C ASN A 75 -21.42 -9.92 -13.39
N LYS A 76 -20.13 -10.15 -13.64
CA LYS A 76 -19.19 -10.34 -12.53
C LYS A 76 -18.89 -9.04 -11.77
N LYS A 77 -18.48 -9.23 -10.53
CA LYS A 77 -18.07 -8.20 -9.60
C LYS A 77 -16.60 -8.47 -9.17
N TRP A 78 -15.91 -7.41 -8.74
CA TRP A 78 -14.56 -7.49 -8.21
C TRP A 78 -14.28 -6.43 -7.17
N ASP A 79 -13.34 -6.75 -6.30
CA ASP A 79 -12.60 -5.73 -5.58
C ASP A 79 -11.47 -5.22 -6.45
N LEU A 80 -10.67 -6.13 -7.00
CA LEU A 80 -9.59 -5.75 -7.88
C LEU A 80 -9.63 -6.53 -9.20
N PHE A 81 -9.74 -5.78 -10.30
CA PHE A 81 -9.67 -6.38 -11.63
C PHE A 81 -8.21 -6.38 -12.05
N VAL A 82 -7.70 -7.52 -12.52
CA VAL A 82 -6.28 -7.61 -12.88
C VAL A 82 -6.18 -7.77 -14.39
N GLU A 83 -5.58 -6.77 -15.04
CA GLU A 83 -5.36 -6.76 -16.50
C GLU A 83 -3.97 -7.24 -16.82
N ARG A 84 -3.87 -8.14 -17.78
CA ARG A 84 -2.64 -8.80 -18.10
C ARG A 84 -2.05 -8.19 -19.36
N SER A 85 -0.73 -8.21 -19.49
CA SER A 85 -0.11 -7.64 -20.70
C SER A 85 -0.34 -8.47 -21.98
N LYS A 86 -0.73 -9.74 -21.85
CA LYS A 86 -1.08 -10.56 -23.00
C LYS A 86 -2.50 -10.33 -23.53
N ALA A 87 -3.31 -9.46 -22.91
CA ALA A 87 -4.69 -9.26 -23.36
C ALA A 87 -4.70 -8.73 -24.80
N TYR A 88 -5.74 -9.08 -25.56
CA TYR A 88 -5.88 -8.54 -26.92
C TYR A 88 -7.36 -8.53 -27.27
N SER A 89 -7.75 -7.58 -28.13
CA SER A 89 -9.13 -7.49 -28.65
C SER A 89 -9.29 -8.41 -29.87
N ASN A 90 -10.46 -9.03 -30.00
CA ASN A 90 -10.74 -9.94 -31.14
C ASN A 90 -12.16 -9.75 -31.69
N CYS A 91 -12.57 -8.49 -31.86
CA CYS A 91 -13.92 -8.18 -32.35
C CYS A 91 -13.75 -7.07 -33.36
N TYR A 92 -14.78 -6.26 -33.56
CA TYR A 92 -14.69 -5.21 -34.56
C TYR A 92 -13.76 -4.17 -33.98
N PRO A 93 -12.89 -3.59 -34.81
CA PRO A 93 -11.96 -2.64 -34.25
C PRO A 93 -12.67 -1.35 -33.77
N TYR A 94 -12.22 -0.82 -32.65
CA TYR A 94 -12.91 0.31 -32.04
C TYR A 94 -11.94 1.22 -31.37
N ASP A 95 -12.39 2.43 -31.07
CA ASP A 95 -11.68 3.30 -30.14
C ASP A 95 -12.68 3.92 -29.16
N VAL A 96 -12.13 4.41 -28.06
CA VAL A 96 -12.93 5.05 -27.03
C VAL A 96 -12.28 6.40 -26.78
N PRO A 97 -12.86 7.47 -27.33
CA PRO A 97 -12.38 8.78 -26.85
C PRO A 97 -12.43 8.85 -25.30
N ASP A 98 -11.36 9.27 -24.67
CA ASP A 98 -11.28 9.18 -23.21
C ASP A 98 -11.54 7.73 -22.66
N TYR A 99 -10.88 6.78 -23.32
CA TYR A 99 -10.69 5.42 -22.86
C TYR A 99 -10.34 5.34 -21.38
N ALA A 100 -9.32 6.10 -20.96
CA ALA A 100 -8.85 6.03 -19.56
C ALA A 100 -9.94 6.37 -18.55
N SER A 101 -10.81 7.33 -18.87
CA SER A 101 -11.92 7.66 -17.96
C SER A 101 -12.98 6.58 -17.88
N LEU A 102 -13.34 5.97 -19.00
CA LEU A 102 -14.33 4.90 -18.97
C LEU A 102 -13.79 3.68 -18.22
N ARG A 103 -12.56 3.32 -18.51
CA ARG A 103 -11.87 2.24 -17.78
C ARG A 103 -11.87 2.50 -16.25
N SER A 104 -11.55 3.73 -15.88
CA SER A 104 -11.54 4.15 -14.47
C SER A 104 -12.90 4.06 -13.79
N LEU A 105 -13.94 4.63 -14.44
CA LEU A 105 -15.25 4.69 -13.79
C LEU A 105 -15.90 3.29 -13.63
N VAL A 106 -15.66 2.41 -14.60
CA VAL A 106 -16.09 1.02 -14.51
C VAL A 106 -15.28 0.28 -13.45
N ALA A 107 -13.96 0.44 -13.48
CA ALA A 107 -13.09 -0.17 -12.46
C ALA A 107 -13.52 0.14 -11.03
N SER A 108 -13.77 1.42 -10.74
CA SER A 108 -14.15 1.80 -9.40
C SER A 108 -15.58 1.42 -9.03
N SER A 109 -16.47 1.31 -10.01
CA SER A 109 -17.81 0.79 -9.80
C SER A 109 -17.79 -0.67 -9.35
N GLY A 110 -16.92 -1.46 -9.95
CA GLY A 110 -16.64 -2.78 -9.45
C GLY A 110 -17.64 -3.83 -9.90
N THR A 111 -18.44 -3.51 -10.91
CA THR A 111 -19.40 -4.47 -11.40
C THR A 111 -19.64 -4.37 -12.89
N LEU A 112 -19.86 -5.52 -13.52
CA LEU A 112 -20.36 -5.61 -14.89
C LEU A 112 -21.85 -5.97 -14.97
N GLU A 113 -22.58 -5.86 -13.86
CA GLU A 113 -24.02 -6.10 -13.84
C GLU A 113 -24.72 -5.32 -14.94
N PHE A 114 -25.41 -6.05 -15.80
CA PHE A 114 -26.04 -5.48 -16.99
C PHE A 114 -27.51 -5.85 -17.01
N ASN A 115 -28.38 -4.88 -17.27
CA ASN A 115 -29.81 -5.18 -17.41
C ASN A 115 -30.27 -4.89 -18.82
N ASN A 116 -30.81 -5.90 -19.49
CA ASN A 116 -31.38 -5.69 -20.83
C ASN A 116 -32.62 -4.80 -20.79
N GLU A 117 -32.73 -3.95 -21.79
CA GLU A 117 -33.94 -3.17 -21.96
C GLU A 117 -34.47 -3.38 -23.37
N SER A 118 -35.80 -3.26 -23.51
CA SER A 118 -36.46 -3.37 -24.80
C SER A 118 -36.66 -1.99 -25.39
N PHE A 119 -35.72 -1.60 -26.26
CA PHE A 119 -35.84 -0.37 -27.04
C PHE A 119 -36.76 -0.64 -28.21
N ASN A 120 -37.59 0.34 -28.55
CA ASN A 120 -38.50 0.23 -29.70
C ASN A 120 -37.71 0.54 -30.98
N TRP A 121 -37.09 -0.48 -31.59
CA TRP A 121 -36.33 -0.28 -32.84
C TRP A 121 -37.13 -0.58 -34.13
N THR A 122 -38.42 -0.31 -34.12
CA THR A 122 -39.25 -0.55 -35.31
C THR A 122 -38.78 0.32 -36.51
N GLY A 123 -38.69 -0.29 -37.68
CA GLY A 123 -38.24 0.39 -38.89
C GLY A 123 -36.84 0.00 -39.36
N VAL A 124 -36.08 -0.69 -38.50
CA VAL A 124 -34.72 -1.15 -38.86
C VAL A 124 -34.49 -2.63 -38.58
N THR A 125 -33.43 -3.17 -39.18
CA THR A 125 -32.98 -4.52 -38.91
C THR A 125 -31.98 -4.49 -37.73
N GLN A 126 -32.30 -5.24 -36.68
CA GLN A 126 -31.44 -5.38 -35.51
C GLN A 126 -30.37 -6.44 -35.70
N ASN A 127 -29.41 -6.47 -34.77
CA ASN A 127 -28.48 -7.60 -34.63
C ASN A 127 -27.48 -7.76 -35.76
N GLY A 128 -27.01 -6.65 -36.33
CA GLY A 128 -25.96 -6.71 -37.34
C GLY A 128 -24.69 -7.40 -36.84
N THR A 129 -24.04 -8.16 -37.72
CA THR A 129 -22.85 -8.93 -37.35
C THR A 129 -21.69 -8.72 -38.32
N SER A 130 -20.53 -9.27 -37.98
CA SER A 130 -19.29 -9.12 -38.77
C SER A 130 -18.39 -10.35 -38.63
N SER A 131 -17.59 -10.60 -39.68
CA SER A 131 -16.59 -11.69 -39.69
C SER A 131 -15.40 -11.37 -38.81
N ALA A 132 -15.19 -10.10 -38.48
CA ALA A 132 -14.13 -9.71 -37.54
C ALA A 132 -14.48 -10.01 -36.07
N CYS A 133 -15.70 -10.51 -35.82
CA CYS A 133 -16.15 -10.80 -34.46
C CYS A 133 -16.88 -12.15 -34.42
N ILE A 134 -16.07 -13.20 -34.40
CA ILE A 134 -16.54 -14.58 -34.37
C ILE A 134 -16.93 -15.03 -32.97
N ARG A 135 -18.17 -15.47 -32.81
CA ARG A 135 -18.63 -16.13 -31.59
C ARG A 135 -19.19 -17.51 -31.98
N ARG A 136 -18.48 -18.56 -31.53
CA ARG A 136 -18.86 -19.95 -31.78
C ARG A 136 -18.98 -20.22 -33.26
N SER A 137 -17.88 -19.99 -33.98
CA SER A 137 -17.76 -20.15 -35.44
C SER A 137 -18.61 -19.22 -36.33
N ASN A 138 -19.70 -18.67 -35.81
CA ASN A 138 -20.53 -17.72 -36.53
C ASN A 138 -20.01 -16.30 -36.46
N ASN A 139 -20.23 -15.53 -37.53
CA ASN A 139 -20.16 -14.06 -37.47
C ASN A 139 -21.03 -13.51 -36.32
N SER A 140 -20.55 -12.48 -35.63
CA SER A 140 -21.23 -11.94 -34.43
C SER A 140 -20.78 -10.52 -34.20
N PHE A 141 -21.11 -10.02 -33.00
CA PHE A 141 -20.78 -8.67 -32.59
C PHE A 141 -20.63 -8.60 -31.06
N PHE A 142 -20.19 -7.45 -30.56
CA PHE A 142 -20.19 -7.16 -29.13
C PHE A 142 -21.55 -7.51 -28.52
N SER A 143 -21.54 -8.30 -27.46
CA SER A 143 -22.78 -8.81 -26.86
C SER A 143 -23.66 -7.71 -26.28
N ARG A 144 -23.08 -6.59 -25.84
CA ARG A 144 -23.88 -5.55 -25.19
C ARG A 144 -24.33 -4.44 -26.13
N LEU A 145 -24.00 -4.58 -27.42
CA LEU A 145 -24.25 -3.56 -28.41
C LEU A 145 -25.15 -4.13 -29.52
N ASN A 146 -25.93 -3.28 -30.17
CA ASN A 146 -26.92 -3.73 -31.18
C ASN A 146 -26.68 -2.92 -32.44
N TRP A 147 -26.07 -3.54 -33.45
CA TRP A 147 -25.78 -2.88 -34.72
C TRP A 147 -27.08 -2.82 -35.57
N LEU A 148 -27.69 -1.65 -35.65
CA LEU A 148 -28.92 -1.46 -36.42
C LEU A 148 -28.62 -1.20 -37.92
N THR A 149 -29.34 -1.86 -38.83
CA THR A 149 -29.21 -1.62 -40.29
C THR A 149 -30.59 -1.39 -40.96
N HIS A 150 -30.58 -1.17 -42.27
CA HIS A 150 -31.81 -0.95 -43.02
C HIS A 150 -32.79 -2.15 -42.96
N LEU A 151 -34.10 -1.85 -43.06
CA LEU A 151 -35.14 -2.84 -43.34
C LEU A 151 -35.72 -2.51 -44.71
N LYS A 152 -35.52 -3.42 -45.66
CA LYS A 152 -35.95 -3.29 -47.07
C LYS A 152 -35.48 -1.99 -47.73
N PHE A 153 -34.18 -1.75 -47.57
CA PHE A 153 -33.45 -0.60 -48.16
C PHE A 153 -33.94 0.79 -47.72
N LYS A 154 -34.58 0.83 -46.54
CA LYS A 154 -34.87 2.08 -45.85
C LYS A 154 -34.44 2.02 -44.37
N TYR A 155 -33.94 3.16 -43.92
CA TYR A 155 -33.53 3.35 -42.54
C TYR A 155 -34.18 4.67 -42.14
N PRO A 156 -35.35 4.61 -41.47
CA PRO A 156 -36.07 5.82 -41.12
C PRO A 156 -35.42 6.44 -39.89
N ALA A 157 -35.74 7.71 -39.64
CA ALA A 157 -35.26 8.39 -38.43
C ALA A 157 -35.73 7.61 -37.20
N LEU A 158 -34.82 7.43 -36.25
CA LEU A 158 -35.12 6.79 -34.98
C LEU A 158 -35.19 7.89 -33.94
N ASN A 159 -36.17 7.76 -33.05
CA ASN A 159 -36.43 8.71 -31.97
C ASN A 159 -36.98 7.87 -30.82
N VAL A 160 -36.08 7.37 -29.97
CA VAL A 160 -36.39 6.32 -28.99
C VAL A 160 -36.05 6.81 -27.58
N THR A 161 -36.91 6.45 -26.63
CA THR A 161 -36.82 6.99 -25.27
C THR A 161 -36.74 5.83 -24.25
N MET A 162 -36.03 6.07 -23.15
CA MET A 162 -35.94 5.10 -22.05
C MET A 162 -35.84 5.80 -20.70
N PRO A 163 -36.92 5.77 -19.89
CA PRO A 163 -36.87 6.49 -18.60
C PRO A 163 -36.03 5.77 -17.55
N ASN A 164 -35.38 6.51 -16.67
CA ASN A 164 -34.76 5.91 -15.50
C ASN A 164 -35.69 6.07 -14.29
N ASN A 165 -36.39 4.99 -13.95
CA ASN A 165 -37.21 4.94 -12.73
C ASN A 165 -36.58 4.17 -11.57
N GLU A 166 -35.26 4.03 -11.57
CA GLU A 166 -34.54 3.26 -10.55
C GLU A 166 -34.02 4.17 -9.46
N LYS A 167 -33.40 3.57 -8.45
CA LYS A 167 -32.72 4.32 -7.38
C LYS A 167 -31.30 4.72 -7.75
N PHE A 168 -30.74 4.09 -8.77
CA PHE A 168 -29.33 4.21 -9.08
C PHE A 168 -29.16 4.85 -10.44
N ASP A 169 -27.95 5.33 -10.67
CA ASP A 169 -27.52 5.82 -11.96
C ASP A 169 -27.38 4.65 -12.91
N LYS A 170 -27.86 4.83 -14.13
CA LYS A 170 -27.67 3.87 -15.21
C LYS A 170 -26.53 4.34 -16.08
N LEU A 171 -25.65 3.40 -16.44
CA LEU A 171 -24.59 3.65 -17.42
C LEU A 171 -24.94 3.02 -18.76
N TYR A 172 -25.11 3.86 -19.78
CA TYR A 172 -25.32 3.43 -21.15
C TYR A 172 -24.07 3.52 -22.01
N ILE A 173 -23.72 2.40 -22.64
CA ILE A 173 -22.63 2.35 -23.60
C ILE A 173 -23.20 2.23 -24.99
N TRP A 174 -22.69 3.04 -25.90
CA TRP A 174 -23.18 3.09 -27.26
C TRP A 174 -22.07 3.50 -28.21
N GLY A 175 -22.35 3.55 -29.51
CA GLY A 175 -21.29 3.77 -30.47
C GLY A 175 -21.75 4.30 -31.80
N VAL A 176 -20.78 4.74 -32.60
CA VAL A 176 -21.04 5.17 -33.98
C VAL A 176 -20.15 4.36 -34.90
N HIS A 177 -20.71 3.88 -36.00
CA HIS A 177 -19.92 3.19 -37.03
C HIS A 177 -19.39 4.22 -38.02
N HIS A 178 -18.06 4.31 -38.12
CA HIS A 178 -17.36 5.08 -39.16
C HIS A 178 -16.97 4.17 -40.34
N PRO A 179 -17.66 4.30 -41.49
CA PRO A 179 -17.36 3.39 -42.61
C PRO A 179 -16.02 3.65 -43.28
N GLY A 180 -15.40 2.59 -43.78
CA GLY A 180 -14.12 2.67 -44.48
C GLY A 180 -14.24 3.29 -45.88
N THR A 181 -15.40 3.07 -46.51
CA THR A 181 -15.68 3.50 -47.88
C THR A 181 -17.19 3.85 -48.07
N ASP A 182 -17.54 4.30 -49.26
CA ASP A 182 -18.96 4.55 -49.62
C ASP A 182 -19.81 3.27 -49.56
N ASN A 183 -19.20 2.14 -49.94
CA ASN A 183 -19.84 0.81 -49.95
C ASN A 183 -20.21 0.34 -48.55
N ASP A 184 -19.35 0.66 -47.57
CA ASP A 184 -19.57 0.32 -46.17
C ASP A 184 -20.67 1.17 -45.50
N GLN A 185 -21.02 2.30 -46.14
CA GLN A 185 -22.17 3.13 -45.75
C GLN A 185 -23.47 2.64 -46.44
N ILE A 186 -23.40 2.34 -47.74
CA ILE A 186 -24.60 1.92 -48.51
C ILE A 186 -25.15 0.54 -48.11
N PHE A 187 -24.28 -0.47 -48.03
CA PHE A 187 -24.73 -1.84 -47.70
C PHE A 187 -25.56 -1.87 -46.40
N PRO A 188 -25.03 -1.31 -45.29
CA PRO A 188 -25.80 -1.35 -44.03
C PRO A 188 -26.96 -0.37 -43.92
N TYR A 189 -26.79 0.88 -44.33
CA TYR A 189 -27.85 1.88 -44.14
C TYR A 189 -28.53 2.31 -45.42
N ALA A 190 -27.88 2.08 -46.57
CA ALA A 190 -28.44 2.39 -47.88
C ALA A 190 -28.96 3.84 -47.99
N GLN A 191 -28.10 4.78 -47.58
CA GLN A 191 -28.36 6.22 -47.71
C GLN A 191 -27.07 7.01 -47.40
N ALA A 192 -27.08 8.28 -47.78
CA ALA A 192 -25.89 9.14 -47.74
C ALA A 192 -25.18 9.24 -46.39
N SER A 193 -25.85 9.74 -45.36
CA SER A 193 -25.13 9.99 -44.09
C SER A 193 -25.98 9.92 -42.85
N GLY A 194 -25.37 9.38 -41.80
CA GLY A 194 -26.03 9.28 -40.52
C GLY A 194 -25.66 10.41 -39.58
N ARG A 195 -26.46 10.53 -38.53
CA ARG A 195 -26.22 11.45 -37.41
C ARG A 195 -26.78 10.76 -36.20
N ILE A 196 -26.10 10.94 -35.07
CA ILE A 196 -26.57 10.40 -33.77
C ILE A 196 -26.58 11.53 -32.75
N THR A 197 -27.73 11.75 -32.11
CA THR A 197 -27.81 12.62 -30.92
C THR A 197 -28.35 11.79 -29.74
N VAL A 198 -27.55 11.67 -28.67
CA VAL A 198 -27.98 10.99 -27.45
C VAL A 198 -28.13 12.02 -26.34
N SER A 199 -29.33 12.12 -25.77
CA SER A 199 -29.62 13.18 -24.80
C SER A 199 -30.40 12.76 -23.54
N THR A 200 -30.36 13.65 -22.55
CA THR A 200 -31.10 13.54 -21.30
C THR A 200 -31.63 14.92 -20.98
N LYS A 201 -32.38 15.05 -19.89
CA LYS A 201 -32.74 16.37 -19.40
C LYS A 201 -31.49 17.26 -19.16
N ARG A 202 -30.41 16.67 -18.67
CA ARG A 202 -29.22 17.43 -18.28
C ARG A 202 -28.04 17.39 -19.27
N SER A 203 -28.07 16.53 -20.29
CA SER A 203 -26.93 16.42 -21.22
C SER A 203 -27.29 16.08 -22.65
N GLN A 204 -26.35 16.31 -23.57
CA GLN A 204 -26.53 15.93 -24.96
C GLN A 204 -25.17 15.62 -25.56
N GLN A 205 -25.10 14.62 -26.42
CA GLN A 205 -23.91 14.28 -27.17
C GLN A 205 -24.35 14.04 -28.59
N THR A 206 -23.76 14.75 -29.54
CA THR A 206 -23.98 14.44 -30.96
C THR A 206 -22.66 14.05 -31.64
N VAL A 207 -22.77 13.04 -32.50
CA VAL A 207 -21.63 12.42 -33.16
C VAL A 207 -22.03 12.20 -34.63
N ILE A 208 -21.13 12.55 -35.54
CA ILE A 208 -21.30 12.37 -36.99
C ILE A 208 -20.31 11.30 -37.45
N PRO A 209 -20.79 10.28 -38.18
CA PRO A 209 -19.84 9.36 -38.83
C PRO A 209 -18.98 10.09 -39.86
N ASN A 210 -17.73 9.65 -39.98
CA ASN A 210 -16.76 10.23 -40.88
C ASN A 210 -16.33 9.07 -41.77
N ILE A 211 -16.62 9.16 -43.07
CA ILE A 211 -16.27 8.10 -44.01
C ILE A 211 -14.80 8.27 -44.41
N GLY A 212 -14.08 7.15 -44.48
CA GLY A 212 -12.64 7.19 -44.77
C GLY A 212 -11.90 5.93 -44.39
N SER A 213 -10.84 5.65 -45.14
CA SER A 213 -10.05 4.44 -44.95
C SER A 213 -9.15 4.65 -43.73
N ARG A 214 -9.16 3.65 -42.85
CA ARG A 214 -8.21 3.53 -41.73
C ARG A 214 -7.39 2.28 -41.99
N PRO A 215 -6.16 2.21 -41.47
CA PRO A 215 -5.39 0.98 -41.64
C PRO A 215 -6.22 -0.20 -41.17
N ARG A 216 -6.21 -1.28 -41.94
CA ARG A 216 -7.04 -2.45 -41.59
C ARG A 216 -6.56 -3.11 -40.30
N VAL A 217 -7.52 -3.50 -39.46
CA VAL A 217 -7.22 -4.24 -38.24
C VAL A 217 -8.14 -5.44 -38.31
N ARG A 218 -7.51 -6.62 -38.32
CA ARG A 218 -8.22 -7.89 -38.53
C ARG A 218 -9.11 -7.74 -39.81
N ASN A 219 -8.42 -7.20 -40.83
CA ASN A 219 -8.93 -6.95 -42.20
C ASN A 219 -10.00 -5.85 -42.42
N ILE A 220 -10.34 -5.10 -41.36
CA ILE A 220 -11.43 -4.10 -41.39
C ILE A 220 -10.86 -2.67 -41.43
N PRO A 221 -11.19 -1.89 -42.49
CA PRO A 221 -10.77 -0.48 -42.51
C PRO A 221 -11.78 0.51 -41.90
N SER A 222 -12.96 0.04 -41.50
CA SER A 222 -13.93 0.87 -40.75
C SER A 222 -13.54 0.89 -39.25
N ARG A 223 -14.29 1.64 -38.46
CA ARG A 223 -14.08 1.71 -37.01
C ARG A 223 -15.38 1.95 -36.33
N ILE A 224 -15.47 1.52 -35.08
CA ILE A 224 -16.53 1.95 -34.18
C ILE A 224 -15.94 2.90 -33.14
N SER A 225 -16.59 4.04 -32.89
CA SER A 225 -16.19 4.91 -31.78
C SER A 225 -17.23 4.77 -30.68
N ILE A 226 -16.75 4.50 -29.46
CA ILE A 226 -17.56 4.18 -28.31
C ILE A 226 -17.68 5.41 -27.41
N TYR A 227 -18.93 5.68 -27.01
CA TYR A 227 -19.33 6.76 -26.13
C TYR A 227 -20.15 6.20 -24.96
N TRP A 228 -20.34 7.03 -23.92
CA TRP A 228 -21.13 6.63 -22.77
C TRP A 228 -21.95 7.78 -22.23
N THR A 229 -23.02 7.42 -21.55
CA THR A 229 -24.00 8.36 -21.03
C THR A 229 -24.51 7.79 -19.71
N ILE A 230 -24.47 8.63 -18.67
CA ILE A 230 -25.01 8.27 -17.40
C ILE A 230 -26.36 8.95 -17.30
N VAL A 231 -27.36 8.19 -16.89
CA VAL A 231 -28.72 8.73 -16.74
C VAL A 231 -29.16 8.60 -15.28
N LYS A 232 -29.43 9.75 -14.67
CA LYS A 232 -29.81 9.81 -13.25
C LYS A 232 -31.25 9.34 -13.01
N PRO A 233 -31.57 8.94 -11.75
CA PRO A 233 -32.96 8.62 -11.39
C PRO A 233 -33.93 9.75 -11.74
N GLY A 234 -35.00 9.42 -12.44
CA GLY A 234 -35.98 10.42 -12.84
C GLY A 234 -35.64 11.12 -14.15
N ASP A 235 -34.43 10.94 -14.67
CA ASP A 235 -34.10 11.49 -15.97
C ASP A 235 -34.52 10.46 -17.02
N ILE A 236 -34.39 10.82 -18.31
CA ILE A 236 -34.81 9.99 -19.43
C ILE A 236 -33.73 9.99 -20.51
N LEU A 237 -33.40 8.81 -21.03
CA LEU A 237 -32.50 8.70 -22.17
C LEU A 237 -33.28 8.91 -23.48
N LEU A 238 -32.75 9.74 -24.38
CA LEU A 238 -33.30 9.91 -25.75
C LEU A 238 -32.24 9.67 -26.82
N ILE A 239 -32.49 8.68 -27.68
CA ILE A 239 -31.62 8.39 -28.83
C ILE A 239 -32.33 8.75 -30.14
N ASN A 240 -31.71 9.65 -30.89
CA ASN A 240 -32.24 10.21 -32.16
C ASN A 240 -31.16 9.91 -33.22
N SER A 241 -31.41 8.98 -34.15
CA SER A 241 -30.44 8.63 -35.19
C SER A 241 -31.03 8.54 -36.58
N THR A 242 -30.22 8.86 -37.59
CA THR A 242 -30.58 8.64 -39.01
C THR A 242 -29.69 7.59 -39.69
N GLY A 243 -28.93 6.81 -38.91
CA GLY A 243 -27.97 5.85 -39.46
C GLY A 243 -26.71 5.74 -38.61
N ASN A 244 -25.98 4.64 -38.79
CA ASN A 244 -24.64 4.46 -38.20
C ASN A 244 -24.58 4.30 -36.67
N LEU A 245 -25.74 4.11 -36.05
CA LEU A 245 -25.86 3.94 -34.61
C LEU A 245 -25.56 2.50 -34.23
N ILE A 246 -24.68 2.36 -33.25
CA ILE A 246 -24.42 1.11 -32.55
C ILE A 246 -25.15 1.30 -31.21
N ALA A 247 -26.33 0.70 -31.11
CA ALA A 247 -27.23 0.97 -30.00
C ALA A 247 -26.89 0.15 -28.76
N PRO A 248 -27.27 0.66 -27.58
CA PRO A 248 -27.17 -0.17 -26.38
C PRO A 248 -28.30 -1.20 -26.34
N ARG A 249 -28.06 -2.33 -25.66
CA ARG A 249 -29.10 -3.33 -25.38
C ARG A 249 -29.70 -3.15 -23.97
N GLY A 250 -29.18 -2.17 -23.24
CA GLY A 250 -29.59 -1.94 -21.86
C GLY A 250 -28.55 -1.11 -21.14
N TYR A 251 -28.49 -1.27 -19.82
CA TYR A 251 -27.63 -0.43 -18.99
C TYR A 251 -26.81 -1.26 -18.04
N PHE A 252 -25.67 -0.67 -17.65
CA PHE A 252 -24.87 -1.18 -16.54
C PHE A 252 -25.26 -0.45 -15.27
N LYS A 253 -25.25 -1.18 -14.16
CA LYS A 253 -25.39 -0.59 -12.84
C LYS A 253 -24.10 0.08 -12.49
N ILE A 254 -24.19 1.26 -11.90
CA ILE A 254 -23.00 1.93 -11.47
C ILE A 254 -23.08 1.94 -9.95
N ARG A 255 -22.07 1.38 -9.30
CA ARG A 255 -21.99 1.35 -7.84
C ARG A 255 -20.86 2.24 -7.40
N SER A 256 -20.88 2.63 -6.14
CA SER A 256 -19.69 3.15 -5.50
C SER A 256 -19.23 2.21 -4.41
N GLY A 257 -17.93 2.18 -4.24
CA GLY A 257 -17.29 1.37 -3.23
C GLY A 257 -15.80 1.37 -3.47
N LYS A 258 -15.16 0.30 -3.04
CA LYS A 258 -13.72 0.24 -2.90
C LYS A 258 -13.05 -0.45 -4.09
N SER A 259 -13.74 -0.65 -5.22
CA SER A 259 -13.12 -1.45 -6.30
C SER A 259 -12.08 -0.67 -7.10
N SER A 260 -11.15 -1.39 -7.73
CA SER A 260 -10.18 -0.79 -8.61
C SER A 260 -9.69 -1.80 -9.66
N ILE A 261 -8.66 -1.40 -10.38
CA ILE A 261 -8.04 -2.16 -11.46
C ILE A 261 -6.53 -2.02 -11.36
N MET A 262 -5.80 -3.06 -11.71
CA MET A 262 -4.34 -3.03 -11.65
C MET A 262 -3.75 -3.79 -12.83
N ARG A 263 -2.66 -3.30 -13.42
CA ARG A 263 -1.93 -4.03 -14.47
C ARG A 263 -0.84 -4.86 -13.85
N SER A 264 -0.89 -6.16 -14.05
CA SER A 264 0.08 -7.06 -13.47
C SER A 264 0.13 -8.36 -14.23
N ASP A 265 1.33 -8.93 -14.32
CA ASP A 265 1.46 -10.29 -14.82
C ASP A 265 1.77 -11.33 -13.74
N ALA A 266 1.60 -10.97 -12.46
CA ALA A 266 1.83 -11.94 -11.40
C ALA A 266 0.71 -13.00 -11.35
N PRO A 267 1.06 -14.27 -11.09
CA PRO A 267 0.04 -15.28 -10.93
C PRO A 267 -0.81 -15.07 -9.66
N ILE A 268 -2.06 -15.52 -9.72
CA ILE A 268 -2.94 -15.48 -8.55
C ILE A 268 -2.65 -16.72 -7.73
N GLY A 269 -2.47 -16.62 -6.43
CA GLY A 269 -2.22 -17.79 -5.60
C GLY A 269 -3.35 -17.99 -4.59
N LYS A 270 -3.44 -19.19 -4.04
CA LYS A 270 -4.35 -19.48 -2.95
C LYS A 270 -3.66 -19.15 -1.65
N CYS A 271 -3.87 -17.94 -1.16
CA CYS A 271 -3.26 -17.46 0.06
C CYS A 271 -4.00 -16.19 0.48
N ASN A 272 -3.66 -15.67 1.64
CA ASN A 272 -4.39 -14.59 2.27
C ASN A 272 -3.45 -13.44 2.59
N SER A 273 -3.58 -12.32 1.88
CA SER A 273 -2.81 -11.12 2.16
C SER A 273 -3.60 -9.84 1.86
N GLU A 274 -3.53 -8.88 2.77
CA GLU A 274 -4.32 -7.66 2.68
C GLU A 274 -3.77 -6.68 1.64
N CYS A 275 -2.47 -6.72 1.35
CA CYS A 275 -1.82 -5.71 0.49
C CYS A 275 -1.38 -6.32 -0.84
N ILE A 276 -1.90 -5.80 -1.93
CA ILE A 276 -1.56 -6.22 -3.27
C ILE A 276 -0.75 -5.15 -4.02
N THR A 277 0.35 -5.58 -4.63
CA THR A 277 1.10 -4.81 -5.59
C THR A 277 1.14 -5.55 -6.89
N PRO A 278 1.49 -4.85 -7.99
CA PRO A 278 1.66 -5.55 -9.26
C PRO A 278 2.76 -6.62 -9.24
N ASN A 279 3.68 -6.55 -8.29
CA ASN A 279 4.72 -7.57 -8.16
C ASN A 279 4.26 -8.79 -7.36
N GLY A 280 3.08 -8.75 -6.77
CA GLY A 280 2.64 -9.72 -5.83
C GLY A 280 2.17 -9.04 -4.56
N SER A 281 1.47 -9.82 -3.76
CA SER A 281 1.10 -9.42 -2.41
C SER A 281 2.35 -9.21 -1.54
N ILE A 282 2.26 -8.32 -0.57
CA ILE A 282 3.36 -8.10 0.36
C ILE A 282 2.81 -8.07 1.77
N PRO A 283 3.61 -8.51 2.75
CA PRO A 283 3.19 -8.35 4.14
C PRO A 283 3.04 -6.87 4.51
N ASN A 284 2.16 -6.58 5.45
CA ASN A 284 1.88 -5.20 5.83
C ASN A 284 2.18 -4.92 7.32
N ASP A 285 3.06 -5.70 7.93
CA ASP A 285 3.51 -5.38 9.30
C ASP A 285 4.35 -4.06 9.36
N LYS A 286 5.11 -3.77 8.33
CA LYS A 286 6.00 -2.60 8.36
C LYS A 286 5.26 -1.35 7.88
N PRO A 287 5.69 -0.16 8.35
CA PRO A 287 4.96 1.05 7.97
C PRO A 287 5.26 1.52 6.54
N PHE A 288 6.39 1.09 5.99
CA PHE A 288 6.86 1.57 4.71
C PHE A 288 7.23 0.38 3.82
N GLN A 289 7.31 0.67 2.51
CA GLN A 289 7.69 -0.35 1.53
C GLN A 289 8.33 0.27 0.30
N ASN A 290 9.18 -0.49 -0.37
CA ASN A 290 9.77 0.00 -1.60
CA ASN A 290 9.88 -0.04 -1.57
C ASN A 290 9.60 -1.00 -2.74
N VAL A 291 8.51 -1.75 -2.68
CA VAL A 291 8.17 -2.70 -3.73
C VAL A 291 7.56 -2.04 -4.96
N ASN A 292 6.54 -1.24 -4.73
CA ASN A 292 5.83 -0.57 -5.83
C ASN A 292 5.02 0.61 -5.32
N ARG A 293 4.98 1.66 -6.12
CA ARG A 293 4.17 2.82 -5.81
C ARG A 293 2.68 2.48 -6.00
N ILE A 294 2.40 1.49 -6.85
CA ILE A 294 1.03 1.06 -7.10
C ILE A 294 0.67 0.00 -6.09
N THR A 295 -0.38 0.24 -5.31
CA THR A 295 -0.85 -0.69 -4.30
C THR A 295 -2.37 -0.69 -4.21
N TYR A 296 -2.87 -1.75 -3.59
CA TYR A 296 -4.30 -1.89 -3.32
C TYR A 296 -4.46 -2.60 -2.01
N GLY A 297 -5.27 -2.05 -1.11
CA GLY A 297 -5.55 -2.66 0.20
C GLY A 297 -4.88 -1.97 1.36
N ALA A 298 -4.71 -2.69 2.47
CA ALA A 298 -4.07 -2.15 3.67
C ALA A 298 -2.55 -2.33 3.50
N CYS A 299 -1.91 -1.28 3.02
CA CYS A 299 -0.55 -1.39 2.54
C CYS A 299 0.41 -0.43 3.27
N PRO A 300 1.68 -0.84 3.40
CA PRO A 300 2.69 0.14 3.83
C PRO A 300 2.82 1.27 2.80
N ARG A 301 3.30 2.43 3.24
CA ARG A 301 3.46 3.58 2.37
C ARG A 301 4.76 3.48 1.56
N TYR A 302 4.65 3.71 0.26
CA TYR A 302 5.79 3.65 -0.63
C TYR A 302 6.82 4.75 -0.35
N VAL A 303 8.07 4.36 -0.20
CA VAL A 303 9.18 5.28 0.00
C VAL A 303 10.31 4.89 -0.95
N LYS A 304 11.22 5.81 -1.14
CA LYS A 304 12.38 5.57 -1.99
C LYS A 304 13.51 4.75 -1.39
N GLN A 305 13.66 4.77 -0.06
CA GLN A 305 14.71 4.02 0.61
C GLN A 305 14.45 2.52 0.50
N ASN A 306 15.51 1.75 0.39
CA ASN A 306 15.34 0.27 0.41
C ASN A 306 15.51 -0.38 1.78
N THR A 307 15.94 0.42 2.76
CA THR A 307 16.10 -0.02 4.14
C THR A 307 16.06 1.17 5.09
N LEU A 308 15.33 1.02 6.20
CA LEU A 308 15.36 1.95 7.29
C LEU A 308 15.30 1.17 8.61
N LYS A 309 16.37 1.20 9.39
CA LYS A 309 16.47 0.35 10.57
C LYS A 309 16.14 1.13 11.83
N LEU A 310 15.12 0.67 12.58
CA LEU A 310 14.76 1.28 13.84
C LEU A 310 15.46 0.58 15.01
N ALA A 311 16.23 1.32 15.80
CA ALA A 311 16.91 0.77 16.99
C ALA A 311 15.86 0.23 17.96
N THR A 312 16.07 -1.00 18.43
CA THR A 312 15.25 -1.57 19.48
C THR A 312 16.08 -1.96 20.69
N GLY A 313 17.24 -1.33 20.85
CA GLY A 313 18.10 -1.60 21.98
C GLY A 313 19.09 -0.46 22.15
N MET A 314 19.84 -0.51 23.21
CA MET A 314 20.83 0.49 23.50
C MET A 314 22.05 0.45 22.57
N ARG A 315 22.84 1.50 22.67
CA ARG A 315 24.15 1.47 22.05
C ARG A 315 24.97 0.24 22.45
N ASN A 316 25.60 -0.42 21.47
CA ASN A 316 26.39 -1.60 21.71
C ASN A 316 27.86 -1.23 21.94
N VAL A 317 28.39 -1.54 23.13
CA VAL A 317 29.76 -1.13 23.51
C VAL A 317 30.47 -2.43 23.93
N PRO A 318 30.98 -3.18 22.94
CA PRO A 318 31.55 -4.49 23.23
C PRO A 318 32.82 -4.43 24.11
N GLU A 319 33.02 -5.50 24.89
CA GLU A 319 34.16 -5.66 25.82
C GLU A 319 35.54 -5.45 25.18
N GLY B 1 23.79 8.51 25.00
CA GLY B 1 24.95 9.46 24.98
C GLY B 1 24.74 10.68 25.86
N ILE B 2 23.53 11.23 25.92
CA ILE B 2 23.31 12.57 26.48
C ILE B 2 23.49 12.58 28.01
N PHE B 3 23.31 11.44 28.70
CA PHE B 3 23.53 11.37 30.15
C PHE B 3 24.95 10.99 30.55
N GLY B 4 25.68 10.35 29.67
CA GLY B 4 27.09 10.13 29.91
C GLY B 4 27.45 8.79 30.53
N ALA B 5 26.46 7.89 30.68
CA ALA B 5 26.73 6.58 31.30
C ALA B 5 27.17 5.54 30.29
N ILE B 6 26.26 5.19 29.38
CA ILE B 6 26.54 4.22 28.32
C ILE B 6 27.47 4.88 27.29
N ALA B 7 28.56 4.18 26.98
CA ALA B 7 29.66 4.68 26.18
C ALA B 7 30.30 5.94 26.77
N GLY B 8 30.22 6.09 28.10
CA GLY B 8 30.74 7.27 28.79
C GLY B 8 31.47 6.77 29.99
N PHE B 9 30.97 7.06 31.20
CA PHE B 9 31.70 6.68 32.38
C PHE B 9 31.66 5.15 32.65
N ILE B 10 30.65 4.44 32.12
CA ILE B 10 30.75 2.99 32.06
CA ILE B 10 30.69 2.99 32.02
C ILE B 10 31.54 2.64 30.82
N GLU B 11 32.71 2.04 31.03
CA GLU B 11 33.67 1.79 29.95
C GLU B 11 33.14 0.90 28.81
N ASN B 12 32.45 -0.18 29.16
CA ASN B 12 31.84 -1.01 28.13
C ASN B 12 30.70 -1.84 28.70
N GLY B 13 29.97 -2.48 27.80
CA GLY B 13 28.91 -3.40 28.18
C GLY B 13 29.42 -4.77 28.57
N TRP B 14 28.49 -5.58 29.08
CA TRP B 14 28.81 -6.91 29.56
C TRP B 14 28.16 -7.92 28.64
N GLU B 15 28.95 -8.61 27.82
CA GLU B 15 28.43 -9.69 26.96
C GLU B 15 27.84 -10.89 27.72
N GLY B 16 28.34 -11.12 28.94
CA GLY B 16 27.86 -12.19 29.82
C GLY B 16 26.59 -11.90 30.60
N MET B 17 26.06 -10.67 30.51
CA MET B 17 24.73 -10.44 31.04
C MET B 17 23.68 -10.71 29.97
N VAL B 18 23.03 -11.87 30.08
CA VAL B 18 22.08 -12.32 29.09
C VAL B 18 20.66 -12.35 29.66
N ASP B 19 20.46 -12.05 30.94
CA ASP B 19 19.09 -12.08 31.50
C ASP B 19 18.54 -10.71 31.86
N GLY B 20 19.26 -9.68 31.46
CA GLY B 20 18.73 -8.34 31.56
C GLY B 20 19.59 -7.36 30.83
N TRP B 21 19.11 -6.13 30.77
CA TRP B 21 19.81 -5.08 30.02
C TRP B 21 20.73 -4.25 30.90
N TYR B 22 20.39 -4.16 32.20
CA TYR B 22 21.15 -3.41 33.19
C TYR B 22 21.32 -4.30 34.39
N GLY B 23 22.37 -4.04 35.16
CA GLY B 23 22.63 -4.88 36.32
C GLY B 23 23.81 -4.47 37.17
N PHE B 24 24.19 -5.41 38.04
CA PHE B 24 25.18 -5.23 39.07
C PHE B 24 26.22 -6.34 38.97
N ARG B 25 27.50 -5.95 39.02
CA ARG B 25 28.58 -6.88 39.36
C ARG B 25 29.19 -6.47 40.69
N HIS B 26 29.62 -7.44 41.49
CA HIS B 26 30.24 -7.14 42.77
C HIS B 26 31.41 -8.01 43.05
N GLN B 27 32.29 -7.50 43.91
CA GLN B 27 33.35 -8.30 44.52
C GLN B 27 33.29 -8.10 46.02
N ASN B 28 33.22 -9.20 46.74
CA ASN B 28 33.21 -9.16 48.19
C ASN B 28 34.01 -10.34 48.73
N SER B 29 33.85 -10.64 50.03
CA SER B 29 34.58 -11.72 50.71
C SER B 29 34.21 -13.09 50.16
N GLU B 30 33.00 -13.22 49.64
CA GLU B 30 32.48 -14.50 49.15
C GLU B 30 32.67 -14.73 47.65
N GLY B 31 33.29 -13.77 46.95
CA GLY B 31 33.60 -13.88 45.53
C GLY B 31 33.15 -12.70 44.65
N ILE B 32 32.94 -12.99 43.36
CA ILE B 32 32.52 -11.98 42.35
C ILE B 32 31.24 -12.42 41.66
N GLY B 33 30.21 -11.59 41.70
CA GLY B 33 28.88 -12.05 41.22
C GLY B 33 28.28 -11.06 40.25
N GLN B 34 27.23 -11.50 39.57
CA GLN B 34 26.51 -10.66 38.60
C GLN B 34 25.03 -10.94 38.75
N ALA B 35 24.20 -9.89 38.71
CA ALA B 35 22.74 -10.06 38.68
C ALA B 35 22.09 -8.90 37.88
N ALA B 36 21.11 -9.27 37.06
CA ALA B 36 20.36 -8.28 36.25
C ALA B 36 19.39 -7.51 37.13
N ASP B 37 19.11 -6.25 36.79
CA ASP B 37 18.07 -5.49 37.46
C ASP B 37 16.86 -5.49 36.57
N LEU B 38 15.80 -6.17 37.02
CA LEU B 38 14.64 -6.35 36.15
C LEU B 38 13.85 -5.05 35.97
N LYS B 39 13.79 -4.16 36.96
CA LYS B 39 12.91 -2.97 36.85
C LYS B 39 13.42 -1.94 35.84
N SER B 40 14.73 -1.66 35.85
CA SER B 40 15.33 -0.77 34.84
CA SER B 40 15.32 -0.77 34.83
C SER B 40 15.23 -1.40 33.45
N THR B 41 15.51 -2.71 33.38
CA THR B 41 15.40 -3.44 32.13
C THR B 41 13.98 -3.30 31.51
N GLN B 42 12.97 -3.58 32.32
CA GLN B 42 11.59 -3.45 31.89
C GLN B 42 11.22 -2.00 31.55
N ALA B 43 11.73 -1.02 32.30
CA ALA B 43 11.46 0.41 31.96
C ALA B 43 11.91 0.76 30.54
N ALA B 44 13.12 0.36 30.17
CA ALA B 44 13.63 0.62 28.82
C ALA B 44 12.83 -0.12 27.76
N ILE B 45 12.61 -1.41 28.01
CA ILE B 45 11.85 -2.26 27.09
C ILE B 45 10.42 -1.75 26.85
N ASP B 46 9.72 -1.35 27.90
CA ASP B 46 8.37 -0.80 27.76
C ASP B 46 8.34 0.46 26.87
N GLN B 47 9.35 1.32 27.00
CA GLN B 47 9.42 2.52 26.14
C GLN B 47 9.65 2.17 24.67
N ILE B 48 10.54 1.21 24.42
CA ILE B 48 10.81 0.80 23.05
C ILE B 48 9.57 0.11 22.46
N ASN B 49 8.90 -0.72 23.26
CA ASN B 49 7.63 -1.33 22.80
C ASN B 49 6.56 -0.29 22.48
N GLY B 50 6.59 0.85 23.16
CA GLY B 50 5.70 1.98 22.90
C GLY B 50 5.90 2.56 21.54
N LYS B 51 7.16 2.69 21.14
CA LYS B 51 7.46 3.13 19.79
C LYS B 51 7.02 2.13 18.78
N LEU B 52 7.32 0.85 19.03
CA LEU B 52 6.93 -0.20 18.08
C LEU B 52 5.41 -0.24 17.91
N ASN B 53 4.68 -0.04 19.01
CA ASN B 53 3.22 -0.07 18.96
CA ASN B 53 3.23 -0.02 18.99
C ASN B 53 2.72 1.03 18.03
N ARG B 54 3.47 2.13 17.92
CA ARG B 54 3.10 3.24 17.07
C ARG B 54 3.58 3.11 15.63
N LEU B 55 4.41 2.10 15.36
CA LEU B 55 4.93 1.91 14.00
C LEU B 55 4.57 0.61 13.27
N ILE B 56 4.42 -0.48 14.02
CA ILE B 56 4.23 -1.81 13.42
C ILE B 56 2.75 -2.14 13.35
N GLY B 57 2.31 -2.70 12.23
CA GLY B 57 0.92 -3.10 12.01
C GLY B 57 -0.13 -1.99 12.00
N LYS B 58 0.21 -0.80 11.47
CA LYS B 58 -0.68 0.37 11.57
C LYS B 58 -1.10 0.92 10.21
N THR B 59 -1.06 0.11 9.17
CA THR B 59 -1.16 0.64 7.81
C THR B 59 -2.58 1.18 7.49
N ASN B 60 -2.62 2.10 6.53
CA ASN B 60 -3.84 2.70 5.92
C ASN B 60 -4.36 1.96 4.69
N GLU B 61 -5.68 1.75 4.61
CA GLU B 61 -6.28 1.19 3.42
C GLU B 61 -6.43 2.22 2.32
N LYS B 62 -5.89 1.96 1.14
CA LYS B 62 -6.25 2.71 -0.06
C LYS B 62 -6.77 1.79 -1.16
N PHE B 63 -7.66 2.32 -1.98
CA PHE B 63 -8.35 1.54 -2.97
C PHE B 63 -8.09 2.16 -4.34
N HIS B 64 -9.10 2.67 -5.04
CA HIS B 64 -8.89 3.24 -6.34
C HIS B 64 -8.12 4.57 -6.21
N GLN B 65 -7.09 4.73 -7.02
CA GLN B 65 -6.21 5.89 -6.92
C GLN B 65 -6.10 6.54 -8.31
N ILE B 66 -4.94 7.03 -8.68
CA ILE B 66 -4.65 7.52 -10.02
C ILE B 66 -3.73 6.48 -10.65
N GLU B 67 -3.63 6.51 -11.96
CA GLU B 67 -2.63 5.73 -12.68
C GLU B 67 -1.23 6.31 -12.43
N LYS B 68 -0.23 5.44 -12.41
CA LYS B 68 1.15 5.79 -12.05
C LYS B 68 2.22 5.30 -13.03
N GLU B 69 1.79 4.60 -14.07
CA GLU B 69 2.64 4.20 -15.20
CA GLU B 69 2.66 4.24 -15.19
C GLU B 69 1.85 4.46 -16.47
N PHE B 70 2.52 4.79 -17.56
CA PHE B 70 1.85 5.18 -18.80
C PHE B 70 2.60 4.64 -19.99
N SER B 71 1.87 4.15 -20.98
CA SER B 71 2.49 3.62 -22.19
C SER B 71 2.54 4.63 -23.34
N GLU B 72 1.76 5.70 -23.26
CA GLU B 72 1.70 6.73 -24.32
C GLU B 72 2.17 8.09 -23.82
N VAL B 73 2.64 8.90 -24.76
CA VAL B 73 2.94 10.30 -24.51
C VAL B 73 1.62 11.07 -24.55
N GLU B 74 1.33 11.87 -23.54
CA GLU B 74 0.08 12.66 -23.52
C GLU B 74 0.20 14.16 -23.15
N GLY B 75 1.26 14.60 -22.52
CA GLY B 75 1.39 16.00 -22.18
C GLY B 75 0.75 16.35 -20.83
N ARG B 76 -0.02 17.42 -20.82
CA ARG B 76 -0.30 18.19 -19.62
C ARG B 76 -0.91 17.36 -18.47
N ILE B 77 -1.93 16.55 -18.74
CA ILE B 77 -2.59 15.83 -17.65
C ILE B 77 -1.67 14.76 -17.06
N GLN B 78 -0.99 14.05 -17.94
CA GLN B 78 0.02 13.09 -17.54
C GLN B 78 1.18 13.70 -16.73
N ASP B 79 1.67 14.87 -17.15
CA ASP B 79 2.69 15.57 -16.39
C ASP B 79 2.20 15.81 -14.96
N LEU B 80 0.96 16.24 -14.81
CA LEU B 80 0.39 16.51 -13.50
C LEU B 80 0.22 15.24 -12.66
N GLU B 81 -0.28 14.15 -13.26
CA GLU B 81 -0.38 12.87 -12.54
C GLU B 81 0.99 12.43 -11.99
N LYS B 82 2.03 12.52 -12.82
CA LYS B 82 3.34 12.09 -12.43
C LYS B 82 3.93 12.96 -11.33
N TYR B 83 3.73 14.29 -11.47
CA TYR B 83 4.22 15.23 -10.48
C TYR B 83 3.55 15.08 -9.12
N VAL B 84 2.24 14.83 -9.10
CA VAL B 84 1.53 14.59 -7.86
C VAL B 84 2.13 13.38 -7.15
N GLU B 85 2.35 12.30 -7.89
CA GLU B 85 2.87 11.09 -7.28
C GLU B 85 4.32 11.28 -6.79
N ASP B 86 5.15 11.89 -7.62
CA ASP B 86 6.54 12.15 -7.24
C ASP B 86 6.65 13.04 -5.96
N THR B 87 5.79 14.05 -5.91
CA THR B 87 5.65 14.95 -4.75
C THR B 87 5.31 14.17 -3.49
N LYS B 88 4.29 13.31 -3.59
CA LYS B 88 3.84 12.48 -2.49
C LYS B 88 4.95 11.57 -1.97
N ILE B 89 5.60 10.88 -2.89
CA ILE B 89 6.64 9.93 -2.52
C ILE B 89 7.83 10.64 -1.81
N ASP B 90 8.22 11.81 -2.31
CA ASP B 90 9.34 12.55 -1.70
C ASP B 90 8.96 12.99 -0.27
N LEU B 91 7.72 13.42 -0.10
CA LEU B 91 7.26 13.85 1.23
C LEU B 91 7.22 12.67 2.23
N TRP B 92 6.75 11.51 1.79
CA TRP B 92 6.77 10.31 2.65
C TRP B 92 8.14 9.77 2.94
N SER B 93 9.02 9.82 1.95
CA SER B 93 10.41 9.40 2.08
C SER B 93 11.14 10.27 3.10
N TYR B 94 10.86 11.58 3.06
CA TYR B 94 11.35 12.52 4.06
C TYR B 94 10.83 12.17 5.45
N ASN B 95 9.51 11.96 5.57
CA ASN B 95 8.93 11.62 6.83
C ASN B 95 9.60 10.37 7.43
N ALA B 96 9.78 9.36 6.59
CA ALA B 96 10.35 8.08 7.05
C ALA B 96 11.78 8.25 7.56
N GLU B 97 12.61 8.98 6.80
CA GLU B 97 14.01 9.22 7.14
C GLU B 97 14.14 9.95 8.46
N LEU B 98 13.39 11.03 8.61
CA LEU B 98 13.41 11.82 9.82
C LEU B 98 12.89 11.07 11.03
N LEU B 99 11.80 10.30 10.84
CA LEU B 99 11.24 9.53 11.91
C LEU B 99 12.28 8.56 12.53
N VAL B 100 12.94 7.80 11.69
CA VAL B 100 13.91 6.84 12.14
CA VAL B 100 13.90 6.83 12.17
C VAL B 100 15.12 7.51 12.80
N ALA B 101 15.62 8.58 12.20
CA ALA B 101 16.74 9.31 12.81
C ALA B 101 16.39 9.88 14.21
N LEU B 102 15.20 10.46 14.35
CA LEU B 102 14.78 11.02 15.62
C LEU B 102 14.52 9.95 16.64
N GLU B 103 13.76 8.94 16.23
CA GLU B 103 13.50 7.86 17.16
C GLU B 103 14.78 7.17 17.63
N ASN B 104 15.74 6.95 16.73
CA ASN B 104 16.98 6.28 17.13
C ASN B 104 17.80 7.09 18.08
N GLN B 105 17.87 8.41 17.86
CA GLN B 105 18.58 9.30 18.79
C GLN B 105 17.93 9.20 20.17
N HIS B 106 16.60 9.22 20.17
CA HIS B 106 15.85 9.15 21.41
C HIS B 106 15.99 7.78 22.14
N THR B 107 15.98 6.68 21.40
CA THR B 107 16.21 5.34 21.99
C THR B 107 17.60 5.25 22.66
N ILE B 108 18.62 5.74 21.98
CA ILE B 108 19.95 5.76 22.54
C ILE B 108 19.98 6.60 23.82
N ASP B 109 19.33 7.76 23.78
CA ASP B 109 19.27 8.60 24.96
C ASP B 109 18.44 8.03 26.14
N LEU B 110 17.30 7.41 25.86
CA LEU B 110 16.46 6.87 26.95
C LEU B 110 17.12 5.62 27.62
N THR B 111 17.84 4.82 26.83
CA THR B 111 18.56 3.70 27.39
C THR B 111 19.74 4.14 28.28
N ASP B 112 20.43 5.22 27.88
CA ASP B 112 21.47 5.85 28.68
C ASP B 112 20.84 6.40 29.96
N SER B 113 19.71 7.07 29.82
CA SER B 113 18.97 7.56 30.98
C SER B 113 18.68 6.45 32.01
N GLU B 114 18.20 5.29 31.55
CA GLU B 114 17.83 4.25 32.50
C GLU B 114 19.04 3.76 33.28
N MET B 115 20.20 3.69 32.62
CA MET B 115 21.46 3.33 33.25
C MET B 115 21.83 4.36 34.29
N ASN B 116 21.72 5.63 33.93
CA ASN B 116 22.06 6.69 34.87
C ASN B 116 21.16 6.68 36.11
N LYS B 117 19.87 6.49 35.89
CA LYS B 117 18.89 6.47 36.99
C LYS B 117 19.17 5.34 38.02
N LEU B 118 19.52 4.17 37.50
CA LEU B 118 19.90 3.04 38.35
C LEU B 118 21.18 3.34 39.16
N PHE B 119 22.17 3.91 38.51
CA PHE B 119 23.39 4.31 39.18
C PHE B 119 23.08 5.32 40.31
N GLU B 120 22.34 6.38 39.97
CA GLU B 120 21.97 7.38 40.96
C GLU B 120 21.20 6.83 42.16
N LYS B 121 20.21 6.01 41.89
CA LYS B 121 19.43 5.34 42.95
C LYS B 121 20.32 4.50 43.90
N THR B 122 21.23 3.75 43.33
CA THR B 122 22.18 2.96 44.12
C THR B 122 23.10 3.84 44.98
N LYS B 123 23.65 4.90 44.38
CA LYS B 123 24.50 5.86 45.08
C LYS B 123 23.81 6.43 46.33
N LYS B 124 22.55 6.81 46.16
CA LYS B 124 21.78 7.45 47.25
C LYS B 124 21.51 6.46 48.36
N GLN B 125 21.23 5.22 47.98
CA GLN B 125 21.01 4.13 48.91
C GLN B 125 22.19 3.88 49.88
N LEU B 126 23.40 3.98 49.34
CA LEU B 126 24.63 3.73 50.10
C LEU B 126 25.03 4.85 51.07
N ARG B 127 24.51 6.06 50.87
CA ARG B 127 24.67 7.19 51.80
C ARG B 127 26.15 7.47 52.05
N GLU B 128 26.65 7.38 53.28
CA GLU B 128 28.06 7.68 53.56
C GLU B 128 28.91 6.42 53.63
N ASN B 129 28.35 5.29 53.21
CA ASN B 129 29.02 3.99 53.37
C ASN B 129 29.88 3.59 52.18
N ALA B 130 29.83 4.38 51.10
CA ALA B 130 30.56 4.06 49.86
C ALA B 130 31.00 5.32 49.14
N GLU B 131 32.00 5.21 48.27
CA GLU B 131 32.40 6.29 47.39
C GLU B 131 32.35 5.85 45.94
N ASP B 132 31.99 6.78 45.06
CA ASP B 132 31.93 6.54 43.63
C ASP B 132 33.36 6.65 43.09
N MET B 133 33.79 5.63 42.37
CA MET B 133 35.14 5.58 41.80
C MET B 133 35.24 6.23 40.41
N GLY B 134 34.11 6.62 39.83
CA GLY B 134 34.09 7.30 38.53
C GLY B 134 33.88 6.45 37.28
N ASN B 135 33.80 5.14 37.44
CA ASN B 135 33.70 4.22 36.31
C ASN B 135 32.44 3.35 36.46
N GLY B 136 31.45 3.87 37.16
CA GLY B 136 30.26 3.13 37.53
C GLY B 136 30.35 2.16 38.71
N CYS B 137 31.48 2.13 39.42
CA CYS B 137 31.71 1.25 40.57
C CYS B 137 31.77 2.08 41.84
N PHE B 138 31.19 1.50 42.89
CA PHE B 138 31.30 2.02 44.25
C PHE B 138 32.29 1.18 45.07
N LYS B 139 33.16 1.86 45.78
CA LYS B 139 33.95 1.25 46.86
C LYS B 139 33.11 1.31 48.13
N ILE B 140 32.72 0.15 48.65
CA ILE B 140 31.91 0.02 49.86
C ILE B 140 32.88 -0.22 51.03
N TYR B 141 32.79 0.64 52.05
CA TYR B 141 33.81 0.67 53.11
C TYR B 141 33.42 -0.16 54.35
N HIS B 142 32.68 -1.24 54.14
CA HIS B 142 32.36 -2.17 55.19
C HIS B 142 32.28 -3.57 54.63
N LYS B 143 32.39 -4.56 55.49
CA LYS B 143 32.19 -5.96 55.10
C LYS B 143 30.78 -6.06 54.55
N CYS B 144 30.67 -6.56 53.32
CA CYS B 144 29.37 -6.62 52.65
C CYS B 144 29.26 -7.95 51.91
N ASP B 145 28.85 -8.97 52.66
CA ASP B 145 28.58 -10.32 52.16
C ASP B 145 27.43 -10.40 51.10
N ASN B 146 27.13 -11.63 50.65
CA ASN B 146 26.13 -11.85 49.59
C ASN B 146 24.74 -11.35 49.93
N ALA B 147 24.30 -11.56 51.17
CA ALA B 147 23.02 -11.04 51.65
C ALA B 147 22.99 -9.50 51.70
N CYS B 148 24.08 -8.89 52.15
CA CYS B 148 24.19 -7.44 52.13
C CYS B 148 24.10 -6.86 50.69
N ILE B 149 24.89 -7.42 49.75
CA ILE B 149 24.80 -7.02 48.32
C ILE B 149 23.34 -7.20 47.80
N GLY B 150 22.75 -8.36 48.07
CA GLY B 150 21.35 -8.63 47.73
C GLY B 150 20.40 -7.54 48.24
N SER B 151 20.66 -7.09 49.48
CA SER B 151 19.88 -6.01 50.10
C SER B 151 19.97 -4.70 49.29
N ILE B 152 21.16 -4.39 48.76
CA ILE B 152 21.34 -3.19 47.95
C ILE B 152 20.55 -3.34 46.63
N ARG B 153 20.69 -4.49 45.99
CA ARG B 153 19.98 -4.76 44.74
C ARG B 153 18.46 -4.78 44.88
N ASN B 154 17.97 -5.17 46.06
CA ASN B 154 16.51 -5.24 46.32
C ASN B 154 15.94 -3.97 46.94
N GLY B 155 16.76 -2.94 47.14
CA GLY B 155 16.28 -1.72 47.74
C GLY B 155 15.96 -1.80 49.22
N THR B 156 16.53 -2.77 49.94
CA THR B 156 16.26 -2.97 51.37
C THR B 156 17.47 -2.72 52.31
N TYR B 157 18.61 -2.36 51.76
CA TYR B 157 19.84 -2.08 52.53
C TYR B 157 19.62 -0.98 53.54
N ASP B 158 19.98 -1.22 54.79
CA ASP B 158 19.85 -0.22 55.86
C ASP B 158 21.24 0.34 56.14
N HIS B 159 21.47 1.57 55.69
CA HIS B 159 22.80 2.14 55.75
C HIS B 159 23.24 2.37 57.21
N ASP B 160 22.28 2.60 58.11
CA ASP B 160 22.62 2.87 59.52
C ASP B 160 23.31 1.70 60.22
N VAL B 161 22.97 0.49 59.80
CA VAL B 161 23.56 -0.73 60.35
C VAL B 161 25.09 -0.75 60.17
N TYR B 162 25.60 -0.18 59.08
CA TYR B 162 27.03 -0.26 58.74
C TYR B 162 27.76 1.08 58.86
N ARG B 163 27.02 2.17 59.13
CA ARG B 163 27.60 3.51 59.08
C ARG B 163 28.84 3.71 59.95
N ASP B 164 28.81 3.22 61.19
CA ASP B 164 29.97 3.35 62.10
C ASP B 164 31.23 2.64 61.52
N GLU B 165 31.08 1.41 61.08
CA GLU B 165 32.16 0.67 60.43
C GLU B 165 32.71 1.42 59.22
N ALA B 166 31.80 1.87 58.34
CA ALA B 166 32.19 2.56 57.11
C ALA B 166 32.89 3.89 57.35
N LEU B 167 32.34 4.74 58.22
CA LEU B 167 32.98 6.03 58.51
C LEU B 167 34.40 5.87 59.07
N ASN B 168 34.54 4.89 59.95
CA ASN B 168 35.81 4.58 60.51
C ASN B 168 36.83 4.13 59.43
N ASN B 169 36.40 3.30 58.49
CA ASN B 169 37.28 2.89 57.38
C ASN B 169 37.58 4.02 56.38
N ARG B 170 36.57 4.83 56.09
CA ARG B 170 36.71 5.90 55.08
C ARG B 170 37.59 7.01 55.51
N PHE B 171 37.40 7.44 56.75
CA PHE B 171 37.98 8.69 57.20
C PHE B 171 39.19 8.46 58.08
N GLN B 172 39.74 7.24 57.99
CA GLN B 172 41.05 6.88 58.54
C GLN B 172 42.20 7.72 57.94
N ILE B 173 43.34 7.72 58.64
CA ILE B 173 44.62 8.20 58.11
C ILE B 173 45.54 6.99 57.90
#